data_3TAH
#
_entry.id   3TAH
#
_cell.length_a   60.1
_cell.length_b   63.8
_cell.length_c   265.2
_cell.angle_alpha   90.00
_cell.angle_beta   90.00
_cell.angle_gamma   90.00
#
_symmetry.space_group_name_H-M   'C 2 2 21'
#
loop_
_entity.id
_entity.type
_entity.pdbx_description
1 polymer 'Ferrous iron uptake transporter protein B'
2 non-polymer "3'-O-(N-methylanthraniloyl)guanosine-5'-diphosphate"
3 non-polymer GLYCEROL
4 non-polymer 'MAGNESIUM ION'
5 water water
#
_entity_poly.entity_id   1
_entity_poly.type   'polypeptide(L)'
_entity_poly.pdbx_seq_one_letter_code
;GSMTEIALIGNPASGKTSLFNLITGHNQRVGNWPGVTVERKSGLVKKNKDLEIQDLPGIYSMSPYSPEEKVARDYLLSQR
ADSILNVVDATNLERNLYLTTQLIETGIPVTIALNMIDVLDGQGKKINVDKLSYHLGVPVVATSALKQTGVDQVVKKAAH
TTTSTVGDLAFPIYDDRLEAAISQILEVLGNSVPQRSARFYAIKLFEQDSLVEAELDLSQFQRKEIEDIIRITEEIFTED
AESIVINERYAFIERVCQMAESHTEDFALTLS
;
_entity_poly.pdbx_strand_id   A,B
#
# COMPACT_ATOMS: atom_id res chain seq x y z
N SER A 2 11.96 31.72 0.68
CA SER A 2 11.23 31.16 1.86
C SER A 2 12.09 30.16 2.63
N MET A 3 12.15 30.33 3.95
CA MET A 3 12.89 29.46 4.83
C MET A 3 12.22 28.07 4.92
N THR A 4 13.00 26.98 4.91
CA THR A 4 12.44 25.67 5.24
C THR A 4 12.46 25.55 6.77
N GLU A 5 11.29 25.39 7.38
CA GLU A 5 11.16 25.32 8.83
C GLU A 5 11.08 23.86 9.24
N ILE A 6 12.07 23.42 10.02
CA ILE A 6 12.19 22.05 10.46
C ILE A 6 11.95 21.99 11.97
N ALA A 7 10.85 21.34 12.37
CA ALA A 7 10.52 21.19 13.79
C ALA A 7 11.30 20.02 14.38
N LEU A 8 12.16 20.29 15.37
CA LEU A 8 12.96 19.27 16.05
C LEU A 8 12.24 18.86 17.34
N ILE A 9 11.92 17.57 17.47
CA ILE A 9 11.22 17.08 18.65
C ILE A 9 11.57 15.62 18.97
N GLY A 10 11.51 15.30 20.24
CA GLY A 10 11.76 13.94 20.71
C GLY A 10 11.52 13.90 22.21
N ASN A 11 11.69 12.70 22.78
CA ASN A 11 11.58 12.51 24.20
C ASN A 11 12.70 13.28 24.94
N PRO A 12 12.45 13.63 26.20
CA PRO A 12 13.54 14.04 27.08
C PRO A 12 14.67 13.04 27.08
N ALA A 13 15.90 13.54 27.11
CA ALA A 13 17.11 12.72 27.19
C ALA A 13 17.30 11.84 25.96
N SER A 14 16.76 12.26 24.81
CA SER A 14 16.94 11.52 23.57
C SER A 14 18.16 12.02 22.81
N GLY A 15 18.72 13.13 23.26
CA GLY A 15 19.84 13.79 22.57
C GLY A 15 19.40 14.95 21.69
N LYS A 16 18.17 15.45 21.90
CA LYS A 16 17.63 16.51 21.07
C LYS A 16 18.45 17.80 21.21
N THR A 17 18.76 18.20 22.45
CA THR A 17 19.56 19.40 22.68
C THR A 17 20.96 19.26 22.09
N SER A 18 21.57 18.09 22.31
CA SER A 18 22.90 17.81 21.77
C SER A 18 22.91 17.97 20.26
N LEU A 19 21.90 17.41 19.57
CA LEU A 19 21.80 17.55 18.12
C LEU A 19 21.46 18.99 17.72
N PHE A 20 20.53 19.62 18.43
CA PHE A 20 20.24 21.03 18.18
C PHE A 20 21.52 21.88 18.19
N ASN A 21 22.34 21.69 19.22
CA ASN A 21 23.60 22.45 19.36
C ASN A 21 24.59 22.15 18.25
N LEU A 22 24.71 20.89 17.83
CA LEU A 22 25.55 20.54 16.69
C LEU A 22 25.07 21.16 15.39
N ILE A 23 23.77 21.10 15.15
CA ILE A 23 23.18 21.54 13.89
C ILE A 23 23.23 23.06 13.73
N THR A 24 22.98 23.78 14.83
CA THR A 24 22.92 25.25 14.81
C THR A 24 24.20 25.94 15.30
N GLY A 25 25.07 25.22 16.02
CA GLY A 25 26.23 25.84 16.64
C GLY A 25 25.80 26.82 17.71
N HIS A 26 26.60 27.85 17.93
CA HIS A 26 26.31 28.86 18.96
C HIS A 26 25.29 29.93 18.55
N ASN A 27 24.84 29.92 17.28
CA ASN A 27 23.83 30.88 16.78
C ASN A 27 22.39 30.46 17.05
N GLN A 28 21.89 30.79 18.23
CA GLN A 28 20.49 30.49 18.58
C GLN A 28 19.74 31.71 19.10
N ARG A 29 18.41 31.60 19.06
CA ARG A 29 17.50 32.62 19.54
C ARG A 29 16.61 31.98 20.59
N VAL A 30 16.53 32.57 21.78
CA VAL A 30 15.77 32.02 22.90
C VAL A 30 14.77 33.03 23.47
N GLY A 31 13.56 32.55 23.74
CA GLY A 31 12.50 33.37 24.35
C GLY A 31 11.49 32.45 25.02
N ASN A 32 10.23 32.86 25.03
CA ASN A 32 9.16 32.02 25.53
C ASN A 32 8.05 31.93 24.50
N TRP A 33 7.26 30.86 24.58
CA TRP A 33 6.07 30.74 23.73
C TRP A 33 5.02 31.71 24.26
N PRO A 34 4.24 32.31 23.36
CA PRO A 34 3.32 33.35 23.83
C PRO A 34 2.33 32.89 24.90
N GLY A 35 2.17 33.72 25.93
CA GLY A 35 1.25 33.45 27.03
C GLY A 35 1.66 32.41 28.06
N VAL A 36 2.83 31.77 27.87
CA VAL A 36 3.34 30.75 28.79
C VAL A 36 4.83 30.96 29.04
N THR A 37 5.37 30.27 30.04
CA THR A 37 6.79 30.36 30.36
C THR A 37 7.63 29.24 29.73
N VAL A 38 7.07 28.45 28.81
CA VAL A 38 7.82 27.41 28.13
C VAL A 38 8.82 28.07 27.18
N GLU A 39 10.07 27.62 27.24
CA GLU A 39 11.12 28.18 26.38
C GLU A 39 10.78 28.00 24.90
N ARG A 40 11.01 29.06 24.13
CA ARG A 40 10.92 29.00 22.67
C ARG A 40 12.33 29.23 22.14
N LYS A 41 12.87 28.22 21.45
CA LYS A 41 14.24 28.28 20.96
C LYS A 41 14.30 27.84 19.52
N SER A 42 15.06 28.60 18.73
CA SER A 42 15.30 28.26 17.35
C SER A 42 16.70 28.67 16.94
N GLY A 43 17.13 28.14 15.81
CA GLY A 43 18.43 28.47 15.22
C GLY A 43 18.49 28.08 13.77
N LEU A 44 19.30 28.78 12.98
CA LEU A 44 19.53 28.44 11.58
C LEU A 44 20.53 27.30 11.49
N VAL A 45 20.38 26.46 10.47
CA VAL A 45 21.35 25.34 10.28
C VAL A 45 22.69 25.96 9.91
N LYS A 46 23.72 25.71 10.71
CA LYS A 46 25.06 26.31 10.52
C LYS A 46 25.58 26.13 9.11
N LYS A 47 25.38 24.93 8.54
CA LYS A 47 25.85 24.61 7.18
C LYS A 47 24.87 24.90 6.04
N ASN A 48 23.66 25.36 6.38
CA ASN A 48 22.66 25.77 5.39
C ASN A 48 21.67 26.75 6.03
N LYS A 49 21.98 28.04 5.94
CA LYS A 49 21.22 29.08 6.64
C LYS A 49 19.83 29.33 6.07
N ASP A 50 19.53 28.74 4.91
CA ASP A 50 18.15 28.66 4.40
C ASP A 50 17.23 27.72 5.21
N LEU A 51 17.80 26.91 6.11
CA LEU A 51 17.04 26.00 6.95
C LEU A 51 16.97 26.51 8.38
N GLU A 52 15.77 26.59 8.94
CA GLU A 52 15.63 26.98 10.34
C GLU A 52 15.13 25.80 11.17
N ILE A 53 15.76 25.59 12.31
CA ILE A 53 15.37 24.55 13.25
C ILE A 53 14.52 25.22 14.33
N GLN A 54 13.27 24.78 14.43
CA GLN A 54 12.41 25.18 15.52
C GLN A 54 12.51 24.07 16.55
N ASP A 55 13.22 24.34 17.65
CA ASP A 55 13.24 23.39 18.75
C ASP A 55 11.84 23.37 19.35
N LEU A 56 11.45 22.19 19.82
CA LEU A 56 10.20 22.01 20.53
C LEU A 56 10.53 21.32 21.83
N PRO A 57 9.72 21.53 22.89
CA PRO A 57 10.02 20.91 24.20
C PRO A 57 10.08 19.40 24.08
N GLY A 58 10.98 18.78 24.83
CA GLY A 58 11.06 17.34 24.91
C GLY A 58 9.78 16.80 25.55
N ILE A 59 9.10 15.88 24.87
CA ILE A 59 7.87 15.28 25.38
C ILE A 59 7.80 13.80 25.04
N TYR A 60 6.97 13.07 25.77
CA TYR A 60 6.71 11.65 25.53
C TYR A 60 5.46 11.34 24.71
N SER A 61 4.53 12.30 24.68
N SER A 61 4.55 12.30 24.66
CA SER A 61 3.27 12.13 23.94
CA SER A 61 3.27 12.14 23.99
C SER A 61 2.61 13.48 23.84
C SER A 61 2.70 13.51 23.73
N MET A 62 1.63 13.59 22.95
CA MET A 62 0.91 14.86 22.74
C MET A 62 -0.45 14.79 23.45
N SER A 63 -0.38 14.77 24.76
CA SER A 63 -1.56 14.74 25.63
C SER A 63 -1.92 16.18 26.04
N PRO A 64 -3.12 16.36 26.63
CA PRO A 64 -3.51 17.72 27.02
C PRO A 64 -2.97 18.18 28.39
N TYR A 65 -2.14 17.37 29.04
CA TYR A 65 -1.82 17.52 30.46
C TYR A 65 -0.51 18.24 30.82
N SER A 66 0.23 18.77 29.86
CA SER A 66 1.35 19.64 30.20
C SER A 66 1.47 20.80 29.23
N PRO A 67 1.95 21.96 29.72
CA PRO A 67 2.17 23.11 28.88
C PRO A 67 3.09 22.84 27.69
N GLU A 68 4.12 22.02 27.95
CA GLU A 68 5.11 21.62 26.95
C GLU A 68 4.48 20.81 25.82
N GLU A 69 3.65 19.84 26.19
N GLU A 69 3.64 19.84 26.18
CA GLU A 69 2.91 19.04 25.20
CA GLU A 69 2.93 19.04 25.19
C GLU A 69 1.95 19.91 24.39
C GLU A 69 1.93 19.89 24.38
N LYS A 70 1.31 20.88 25.04
CA LYS A 70 0.38 21.77 24.35
C LYS A 70 1.12 22.67 23.36
N VAL A 71 2.26 23.22 23.76
CA VAL A 71 3.07 24.03 22.86
C VAL A 71 3.45 23.23 21.61
N ALA A 72 3.91 22.00 21.81
CA ALA A 72 4.33 21.16 20.67
C ALA A 72 3.16 20.91 19.73
N ARG A 73 2.02 20.49 20.29
CA ARG A 73 0.83 20.21 19.49
C ARG A 73 0.35 21.42 18.69
N ASP A 74 0.15 22.55 19.36
CA ASP A 74 -0.36 23.76 18.70
C ASP A 74 0.56 24.17 17.56
N TYR A 75 1.86 24.13 17.80
CA TYR A 75 2.80 24.49 16.76
C TYR A 75 2.70 23.53 15.58
N LEU A 76 2.71 22.24 15.84
CA LEU A 76 2.64 21.26 14.74
C LEU A 76 1.31 21.29 13.96
N LEU A 77 0.20 21.54 14.65
N LEU A 77 0.20 21.56 14.64
CA LEU A 77 -1.10 21.67 14.00
CA LEU A 77 -1.10 21.66 13.96
C LEU A 77 -1.31 23.02 13.30
C LEU A 77 -1.33 23.04 13.32
N SER A 78 -0.44 24.01 13.55
CA SER A 78 -0.54 25.33 12.90
C SER A 78 -0.10 25.30 11.44
N GLN A 79 0.51 24.21 11.01
CA GLN A 79 1.00 24.04 9.65
C GLN A 79 2.09 25.08 9.28
N ARG A 80 2.87 25.54 10.26
CA ARG A 80 4.02 26.44 10.02
C ARG A 80 5.30 25.64 9.76
N ALA A 81 5.38 24.41 10.26
CA ALA A 81 6.53 23.56 9.99
C ALA A 81 6.42 22.85 8.63
N ASP A 82 7.50 22.86 7.87
CA ASP A 82 7.59 22.14 6.61
C ASP A 82 7.90 20.67 6.84
N SER A 83 8.68 20.38 7.88
CA SER A 83 9.18 19.04 8.18
C SER A 83 9.24 18.85 9.69
N ILE A 84 9.07 17.60 10.15
CA ILE A 84 9.35 17.24 11.54
C ILE A 84 10.62 16.39 11.53
N LEU A 85 11.63 16.79 12.30
CA LEU A 85 12.85 15.99 12.51
C LEU A 85 12.72 15.42 13.92
N ASN A 86 12.44 14.13 13.97
CA ASN A 86 12.10 13.41 15.19
C ASN A 86 13.35 12.73 15.71
N VAL A 87 13.86 13.19 16.85
CA VAL A 87 15.03 12.59 17.52
C VAL A 87 14.55 11.42 18.38
N VAL A 88 15.05 10.23 18.07
CA VAL A 88 14.67 8.98 18.72
C VAL A 88 15.90 8.31 19.33
N ASP A 89 15.79 7.94 20.61
CA ASP A 89 16.80 7.20 21.33
C ASP A 89 16.80 5.73 20.92
N ALA A 90 17.79 5.35 20.13
CA ALA A 90 17.91 3.98 19.61
C ALA A 90 17.96 2.92 20.71
N THR A 91 18.49 3.27 21.89
CA THR A 91 18.62 2.33 23.01
C THR A 91 17.31 2.14 23.79
N ASN A 92 16.27 2.88 23.41
CA ASN A 92 14.96 2.78 24.03
C ASN A 92 13.89 2.97 22.98
N LEU A 93 14.02 2.19 21.92
CA LEU A 93 13.28 2.42 20.67
C LEU A 93 11.75 2.42 20.81
N GLU A 94 11.19 1.34 21.35
CA GLU A 94 9.73 1.22 21.44
C GLU A 94 9.08 2.38 22.20
N ARG A 95 9.66 2.74 23.35
CA ARG A 95 9.15 3.85 24.17
C ARG A 95 9.19 5.18 23.41
N ASN A 96 10.28 5.43 22.67
CA ASN A 96 10.43 6.65 21.88
C ASN A 96 9.46 6.74 20.68
N LEU A 97 9.15 5.60 20.06
CA LEU A 97 8.27 5.58 18.88
C LEU A 97 6.80 5.84 19.22
N TYR A 98 6.44 5.80 20.50
CA TYR A 98 5.08 6.15 20.92
C TYR A 98 4.74 7.57 20.45
N LEU A 99 5.62 8.51 20.76
CA LEU A 99 5.47 9.88 20.26
C LEU A 99 5.51 9.91 18.73
N THR A 100 6.44 9.16 18.12
CA THR A 100 6.63 9.16 16.68
C THR A 100 5.31 8.90 15.95
N THR A 101 4.54 7.92 16.43
CA THR A 101 3.27 7.58 15.77
C THR A 101 2.33 8.79 15.74
N GLN A 102 2.32 9.55 16.82
CA GLN A 102 1.50 10.75 16.91
C GLN A 102 1.99 11.88 16.02
N LEU A 103 3.31 12.02 15.92
CA LEU A 103 3.92 13.00 15.01
C LEU A 103 3.54 12.72 13.55
N ILE A 104 3.59 11.46 13.13
CA ILE A 104 3.23 11.10 11.75
C ILE A 104 1.79 11.53 11.47
N GLU A 105 0.91 11.33 12.45
CA GLU A 105 -0.51 11.62 12.31
C GLU A 105 -0.84 13.11 12.13
N THR A 106 0.07 14.00 12.51
CA THR A 106 -0.11 15.44 12.28
C THR A 106 -0.18 15.81 10.79
N GLY A 107 0.37 14.93 9.94
CA GLY A 107 0.43 15.17 8.52
C GLY A 107 1.60 16.01 8.04
N ILE A 108 2.49 16.43 8.94
N ILE A 108 2.48 16.44 8.96
CA ILE A 108 3.74 17.08 8.55
CA ILE A 108 3.74 17.07 8.59
C ILE A 108 4.78 15.98 8.44
C ILE A 108 4.69 15.87 8.40
N PRO A 109 5.35 15.76 7.24
CA PRO A 109 6.26 14.60 7.04
C PRO A 109 7.37 14.51 8.07
N VAL A 110 7.53 13.31 8.61
CA VAL A 110 8.52 13.01 9.64
C VAL A 110 9.77 12.38 9.05
N THR A 111 10.95 12.83 9.53
CA THR A 111 12.25 12.22 9.27
C THR A 111 12.82 11.89 10.65
N ILE A 112 13.36 10.69 10.85
CA ILE A 112 13.86 10.28 12.17
C ILE A 112 15.38 10.33 12.23
N ALA A 113 15.93 11.01 13.25
CA ALA A 113 17.34 10.91 13.62
C ALA A 113 17.35 9.81 14.68
N LEU A 114 17.85 8.64 14.30
CA LEU A 114 17.90 7.49 15.18
C LEU A 114 19.21 7.67 15.93
N ASN A 115 19.11 8.38 17.05
CA ASN A 115 20.24 8.89 17.82
C ASN A 115 20.73 7.89 18.88
N MET A 116 21.88 8.13 19.49
N MET A 116 21.90 8.16 19.45
CA MET A 116 22.49 7.21 20.46
CA MET A 116 22.57 7.30 20.41
C MET A 116 22.93 5.91 19.81
C MET A 116 22.91 5.93 19.80
N ILE A 117 23.17 5.93 18.49
CA ILE A 117 23.51 4.73 17.75
C ILE A 117 24.85 4.12 18.23
N ASP A 118 25.75 4.97 18.72
CA ASP A 118 27.04 4.50 19.25
C ASP A 118 26.91 3.71 20.56
N VAL A 119 25.87 4.01 21.35
CA VAL A 119 25.57 3.37 22.63
C VAL A 119 25.00 1.97 22.40
N LEU A 120 24.14 1.88 21.39
CA LEU A 120 23.52 0.64 20.95
C LEU A 120 24.59 -0.39 20.58
N ASP A 121 25.58 0.05 19.81
CA ASP A 121 26.71 -0.78 19.43
C ASP A 121 27.41 -1.38 20.67
N GLY A 122 27.58 -0.55 21.71
CA GLY A 122 28.17 -0.98 22.98
C GLY A 122 27.33 -1.91 23.86
N GLN A 123 26.00 -1.89 23.70
CA GLN A 123 25.09 -2.77 24.45
C GLN A 123 24.90 -4.15 23.79
N GLY A 124 25.58 -4.41 22.67
CA GLY A 124 25.37 -5.64 21.92
C GLY A 124 24.00 -5.73 21.23
N LYS A 125 23.41 -4.58 20.94
CA LYS A 125 22.12 -4.49 20.25
C LYS A 125 22.32 -4.02 18.81
N LYS A 126 21.31 -4.29 17.98
CA LYS A 126 21.31 -3.90 16.55
C LYS A 126 19.93 -3.44 16.11
N ILE A 127 19.89 -2.49 15.18
CA ILE A 127 18.67 -2.01 14.53
C ILE A 127 18.97 -1.97 13.04
N ASN A 128 18.11 -2.59 12.24
CA ASN A 128 18.28 -2.57 10.80
C ASN A 128 17.59 -1.30 10.28
N VAL A 129 18.37 -0.26 10.06
CA VAL A 129 17.83 1.08 9.74
C VAL A 129 16.88 1.10 8.55
N ASP A 130 17.27 0.54 7.39
CA ASP A 130 16.39 0.63 6.23
C ASP A 130 15.08 -0.14 6.44
N LYS A 131 15.11 -1.26 7.16
N LYS A 131 15.12 -1.25 7.17
CA LYS A 131 13.88 -2.00 7.48
CA LYS A 131 13.92 -2.01 7.50
C LYS A 131 13.00 -1.19 8.44
C LYS A 131 13.01 -1.24 8.46
N LEU A 132 13.60 -0.53 9.42
CA LEU A 132 12.84 0.34 10.33
C LEU A 132 12.15 1.45 9.55
N SER A 133 12.89 2.09 8.64
CA SER A 133 12.36 3.12 7.75
C SER A 133 11.22 2.58 6.90
N TYR A 134 11.44 1.41 6.29
CA TYR A 134 10.44 0.82 5.41
C TYR A 134 9.09 0.64 6.13
N HIS A 135 9.15 0.03 7.30
CA HIS A 135 7.95 -0.31 8.05
C HIS A 135 7.31 0.85 8.80
N LEU A 136 8.09 1.86 9.17
CA LEU A 136 7.50 3.10 9.74
C LEU A 136 6.93 4.05 8.68
N GLY A 137 7.34 3.88 7.43
CA GLY A 137 6.93 4.74 6.34
C GLY A 137 7.52 6.14 6.42
N VAL A 138 8.70 6.26 7.05
CA VAL A 138 9.42 7.53 7.16
C VAL A 138 10.91 7.32 6.93
N PRO A 139 11.59 8.34 6.42
CA PRO A 139 13.06 8.23 6.35
C PRO A 139 13.65 8.09 7.75
N VAL A 140 14.70 7.28 7.86
CA VAL A 140 15.43 7.12 9.11
C VAL A 140 16.93 7.22 8.82
N VAL A 141 17.64 8.02 9.60
CA VAL A 141 19.09 8.16 9.50
C VAL A 141 19.72 7.95 10.89
N ALA A 142 20.67 7.01 11.00
CA ALA A 142 21.36 6.74 12.24
C ALA A 142 22.26 7.92 12.55
N THR A 143 22.17 8.43 13.78
CA THR A 143 23.02 9.52 14.21
C THR A 143 23.65 9.25 15.58
N SER A 144 24.75 9.95 15.82
CA SER A 144 25.37 10.03 17.14
C SER A 144 25.77 11.47 17.39
N ALA A 145 25.12 12.11 18.36
CA ALA A 145 25.47 13.46 18.78
C ALA A 145 26.86 13.48 19.43
N LEU A 146 27.22 12.39 20.13
CA LEU A 146 28.53 12.30 20.78
C LEU A 146 29.66 12.20 19.75
N LYS A 147 29.57 11.17 18.89
CA LYS A 147 30.57 10.92 17.86
C LYS A 147 30.47 11.89 16.68
N GLN A 148 29.39 12.67 16.62
CA GLN A 148 29.16 13.66 15.57
C GLN A 148 29.08 12.98 14.18
N THR A 149 28.19 12.01 14.06
CA THR A 149 27.97 11.26 12.82
C THR A 149 26.49 11.30 12.42
N GLY A 150 26.24 11.35 11.11
CA GLY A 150 24.87 11.30 10.56
C GLY A 150 24.07 12.60 10.63
N VAL A 151 24.66 13.63 11.24
CA VAL A 151 23.93 14.85 11.54
C VAL A 151 23.58 15.63 10.26
N ASP A 152 24.58 15.90 9.42
CA ASP A 152 24.33 16.65 8.19
C ASP A 152 23.40 15.87 7.24
N GLN A 153 23.56 14.55 7.27
CA GLN A 153 22.75 13.62 6.49
C GLN A 153 21.26 13.66 6.87
N VAL A 154 20.97 13.64 8.18
CA VAL A 154 19.57 13.66 8.63
C VAL A 154 18.95 15.04 8.34
N VAL A 155 19.72 16.12 8.55
CA VAL A 155 19.22 17.47 8.26
C VAL A 155 18.87 17.60 6.77
N LYS A 156 19.73 17.08 5.89
CA LYS A 156 19.46 17.08 4.44
C LYS A 156 18.19 16.32 4.05
N LYS A 157 18.02 15.15 4.65
CA LYS A 157 16.84 14.33 4.41
C LYS A 157 15.59 15.07 4.86
N ALA A 158 15.60 15.59 6.08
CA ALA A 158 14.47 16.33 6.63
C ALA A 158 14.14 17.51 5.72
N ALA A 159 15.18 18.23 5.28
CA ALA A 159 14.99 19.40 4.39
C ALA A 159 14.32 19.06 3.05
N HIS A 160 14.46 17.82 2.58
CA HIS A 160 13.85 17.35 1.31
C HIS A 160 12.63 16.44 1.50
N THR A 161 12.12 16.39 2.73
CA THR A 161 10.96 15.59 3.11
C THR A 161 9.97 16.54 3.79
N THR A 162 9.23 17.27 2.98
CA THR A 162 8.37 18.35 3.46
C THR A 162 6.92 18.25 3.00
N THR A 163 6.09 19.11 3.57
CA THR A 163 4.68 19.23 3.17
C THR A 163 4.56 19.57 1.67
N SER A 164 5.59 20.18 1.08
CA SER A 164 5.59 20.49 -0.36
C SER A 164 6.04 19.29 -1.19
N THR A 165 7.07 18.58 -0.74
CA THR A 165 7.68 17.49 -1.54
C THR A 165 6.99 16.12 -1.42
N VAL A 166 6.34 15.85 -0.29
CA VAL A 166 5.71 14.55 -0.05
C VAL A 166 4.24 14.59 -0.44
N GLY A 167 3.78 13.52 -1.10
CA GLY A 167 2.39 13.36 -1.50
C GLY A 167 1.53 12.75 -0.41
N ASP A 168 0.98 11.56 -0.67
CA ASP A 168 0.06 10.91 0.27
C ASP A 168 0.69 10.62 1.63
N LEU A 169 -0.12 10.70 2.69
CA LEU A 169 0.33 10.36 4.05
C LEU A 169 0.41 8.84 4.21
N ALA A 170 1.57 8.32 4.64
CA ALA A 170 1.67 6.91 5.03
C ALA A 170 1.57 6.88 6.55
N PHE A 171 0.36 6.67 7.07
CA PHE A 171 0.11 6.70 8.51
C PHE A 171 0.12 5.30 9.10
N PRO A 172 0.52 5.15 10.39
CA PRO A 172 0.38 3.85 11.05
C PRO A 172 -1.04 3.30 10.96
N ILE A 173 -1.18 2.09 10.43
CA ILE A 173 -2.48 1.46 10.29
C ILE A 173 -2.69 0.57 11.50
N TYR A 174 -3.80 0.80 12.21
CA TYR A 174 -4.13 0.07 13.43
C TYR A 174 -5.14 -1.04 13.13
N ASP A 175 -5.61 -1.73 14.17
CA ASP A 175 -6.59 -2.79 14.03
C ASP A 175 -7.79 -2.34 13.19
N ASP A 176 -8.30 -3.24 12.34
CA ASP A 176 -9.53 -2.94 11.56
C ASP A 176 -10.66 -2.30 12.34
N ARG A 177 -10.84 -2.70 13.59
CA ARG A 177 -11.93 -2.16 14.43
C ARG A 177 -11.68 -0.70 14.83
N LEU A 178 -10.43 -0.34 15.06
CA LEU A 178 -10.12 1.06 15.34
C LEU A 178 -10.18 1.87 14.06
N GLU A 179 -9.68 1.33 12.96
CA GLU A 179 -9.75 2.00 11.64
C GLU A 179 -11.19 2.30 11.21
N ALA A 180 -12.12 1.39 11.51
CA ALA A 180 -13.55 1.61 11.25
C ALA A 180 -14.05 2.83 12.03
N ALA A 181 -13.69 2.91 13.30
CA ALA A 181 -14.04 4.06 14.13
C ALA A 181 -13.45 5.37 13.61
N ILE A 182 -12.17 5.35 13.25
CA ILE A 182 -11.51 6.55 12.71
C ILE A 182 -12.18 7.02 11.40
N SER A 183 -12.41 6.07 10.50
N SER A 183 -12.45 6.06 10.50
CA SER A 183 -13.13 6.36 9.24
CA SER A 183 -13.13 6.35 9.24
C SER A 183 -14.51 7.02 9.45
C SER A 183 -14.50 7.01 9.43
N GLN A 184 -15.28 6.52 10.40
CA GLN A 184 -16.61 7.08 10.70
C GLN A 184 -16.53 8.46 11.36
N ILE A 185 -15.52 8.66 12.21
CA ILE A 185 -15.29 9.98 12.79
C ILE A 185 -14.87 10.98 11.70
N LEU A 186 -14.01 10.54 10.78
CA LEU A 186 -13.65 11.36 9.61
C LEU A 186 -14.88 11.76 8.79
N GLU A 187 -15.80 10.81 8.56
CA GLU A 187 -17.06 11.11 7.86
C GLU A 187 -17.87 12.16 8.61
N VAL A 188 -17.99 12.00 9.92
CA VAL A 188 -18.73 12.94 10.74
C VAL A 188 -18.06 14.33 10.73
N LEU A 189 -16.73 14.35 10.74
CA LEU A 189 -15.98 15.62 10.73
C LEU A 189 -16.18 16.44 9.47
N GLY A 190 -16.28 15.78 8.32
CA GLY A 190 -16.42 16.49 7.04
C GLY A 190 -15.25 17.46 6.87
N ASN A 191 -15.54 18.73 6.59
CA ASN A 191 -14.51 19.76 6.41
C ASN A 191 -14.26 20.63 7.64
N SER A 192 -14.63 20.13 8.82
CA SER A 192 -14.45 20.85 10.08
C SER A 192 -12.99 21.00 10.47
N VAL A 193 -12.14 20.13 9.92
CA VAL A 193 -10.70 20.18 10.13
C VAL A 193 -9.99 20.06 8.80
N PRO A 194 -8.70 20.45 8.73
CA PRO A 194 -7.97 20.25 7.47
C PRO A 194 -7.78 18.77 7.13
N GLN A 195 -7.83 18.46 5.84
CA GLN A 195 -7.57 17.09 5.37
C GLN A 195 -6.21 16.56 5.87
N ARG A 196 -5.17 17.39 5.87
CA ARG A 196 -3.82 16.92 6.23
C ARG A 196 -3.73 16.34 7.64
N SER A 197 -4.40 17.00 8.58
CA SER A 197 -4.36 16.65 9.99
C SER A 197 -5.64 15.96 10.46
N ALA A 198 -6.51 15.62 9.52
CA ALA A 198 -7.84 15.07 9.86
C ALA A 198 -7.72 13.84 10.74
N ARG A 199 -6.76 12.96 10.44
CA ARG A 199 -6.57 11.74 11.21
C ARG A 199 -6.13 12.02 12.65
N PHE A 200 -5.26 13.02 12.85
CA PHE A 200 -4.85 13.45 14.17
C PHE A 200 -6.08 13.85 14.99
N TYR A 201 -6.93 14.67 14.40
CA TYR A 201 -8.13 15.12 15.08
C TYR A 201 -9.12 13.98 15.32
N ALA A 202 -9.27 13.09 14.34
CA ALA A 202 -10.20 11.97 14.49
C ALA A 202 -9.79 11.07 15.67
N ILE A 203 -8.50 10.77 15.78
CA ILE A 203 -8.00 9.92 16.85
C ILE A 203 -8.15 10.62 18.20
N LYS A 204 -7.83 11.92 18.25
CA LYS A 204 -8.03 12.69 19.47
C LYS A 204 -9.48 12.74 19.93
N LEU A 205 -10.40 12.87 18.99
CA LEU A 205 -11.82 12.86 19.33
C LEU A 205 -12.25 11.50 19.87
N PHE A 206 -11.73 10.45 19.24
CA PHE A 206 -12.05 9.09 19.67
C PHE A 206 -11.65 8.88 21.13
N GLU A 207 -10.45 9.34 21.48
CA GLU A 207 -9.93 9.19 22.84
C GLU A 207 -10.40 10.29 23.82
N GLN A 208 -11.34 11.11 23.38
CA GLN A 208 -11.96 12.19 24.16
C GLN A 208 -10.97 13.20 24.73
N ASP A 209 -10.03 13.58 23.88
CA ASP A 209 -9.08 14.63 24.18
C ASP A 209 -9.82 15.94 24.49
N SER A 210 -9.65 16.44 25.70
CA SER A 210 -10.40 17.61 26.16
C SER A 210 -10.04 18.89 25.42
N LEU A 211 -8.80 19.03 24.96
CA LEU A 211 -8.39 20.22 24.19
C LEU A 211 -9.03 20.29 22.82
N VAL A 212 -9.03 19.17 22.10
CA VAL A 212 -9.66 19.12 20.77
C VAL A 212 -11.16 19.33 20.91
N GLU A 213 -11.78 18.71 21.92
CA GLU A 213 -13.23 18.86 22.12
C GLU A 213 -13.63 20.31 22.41
N ALA A 214 -12.82 20.99 23.21
CA ALA A 214 -13.06 22.40 23.51
C ALA A 214 -12.79 23.32 22.32
N GLU A 215 -11.84 22.98 21.46
CA GLU A 215 -11.45 23.90 20.38
C GLU A 215 -12.29 23.77 19.10
N LEU A 216 -12.77 22.58 18.79
N LEU A 216 -12.77 22.58 18.78
CA LEU A 216 -13.52 22.33 17.56
CA LEU A 216 -13.49 22.36 17.53
C LEU A 216 -14.97 22.79 17.68
C LEU A 216 -14.96 22.76 17.65
N ASP A 217 -15.48 23.42 16.62
CA ASP A 217 -16.85 23.90 16.58
C ASP A 217 -17.63 22.79 15.91
N LEU A 218 -18.04 21.81 16.72
CA LEU A 218 -18.83 20.67 16.23
C LEU A 218 -20.31 20.86 16.54
N SER A 219 -21.13 20.49 15.56
CA SER A 219 -22.58 20.55 15.74
C SER A 219 -23.02 19.49 16.74
N GLN A 220 -24.23 19.66 17.26
CA GLN A 220 -24.83 18.67 18.14
C GLN A 220 -24.88 17.32 17.40
N PHE A 221 -25.25 17.33 16.13
CA PHE A 221 -25.35 16.06 15.38
C PHE A 221 -23.97 15.38 15.27
N GLN A 222 -22.93 16.18 14.96
CA GLN A 222 -21.57 15.66 14.87
C GLN A 222 -21.16 14.99 16.18
N ARG A 223 -21.43 15.66 17.29
CA ARG A 223 -21.09 15.14 18.62
C ARG A 223 -21.84 13.85 18.94
N LYS A 224 -23.12 13.77 18.54
CA LYS A 224 -23.90 12.53 18.73
C LYS A 224 -23.32 11.38 17.91
N GLU A 225 -22.98 11.64 16.66
CA GLU A 225 -22.37 10.63 15.77
C GLU A 225 -21.08 10.08 16.40
N ILE A 226 -20.25 11.00 16.88
CA ILE A 226 -18.97 10.64 17.51
C ILE A 226 -19.16 9.85 18.79
N GLU A 227 -20.07 10.30 19.66
N GLU A 227 -20.08 10.30 19.65
CA GLU A 227 -20.41 9.57 20.88
CA GLU A 227 -20.41 9.59 20.88
C GLU A 227 -20.80 8.11 20.59
C GLU A 227 -20.83 8.13 20.61
N ASP A 228 -21.66 7.93 19.58
CA ASP A 228 -22.11 6.59 19.18
C ASP A 228 -20.93 5.70 18.74
N ILE A 229 -20.06 6.23 17.89
CA ILE A 229 -18.87 5.50 17.38
C ILE A 229 -17.98 5.00 18.54
N ILE A 230 -17.73 5.89 19.49
CA ILE A 230 -16.91 5.56 20.68
C ILE A 230 -17.56 4.46 21.51
N ARG A 231 -18.87 4.58 21.73
CA ARG A 231 -19.57 3.64 22.59
C ARG A 231 -19.48 2.23 22.03
N ILE A 232 -19.85 2.07 20.76
CA ILE A 232 -19.88 0.73 20.16
C ILE A 232 -18.45 0.18 20.04
N THR A 233 -17.48 1.04 19.76
CA THR A 233 -16.08 0.60 19.64
C THR A 233 -15.52 0.11 20.99
N GLU A 234 -15.83 0.85 22.06
CA GLU A 234 -15.46 0.43 23.41
C GLU A 234 -16.10 -0.92 23.76
N GLU A 235 -17.34 -1.11 23.35
CA GLU A 235 -18.07 -2.36 23.61
C GLU A 235 -17.41 -3.55 22.96
N ILE A 236 -16.98 -3.40 21.71
CA ILE A 236 -16.38 -4.51 20.97
C ILE A 236 -14.94 -4.78 21.40
N PHE A 237 -14.21 -3.78 21.91
CA PHE A 237 -12.91 -4.05 22.54
C PHE A 237 -12.97 -4.44 24.03
N THR A 238 -14.12 -4.21 24.67
N THR A 238 -14.10 -4.15 24.68
CA THR A 238 -14.29 -4.25 26.15
CA THR A 238 -14.26 -4.29 26.12
C THR A 238 -13.16 -3.50 26.87
C THR A 238 -13.17 -3.50 26.86
N GLU A 239 -12.86 -2.30 26.36
CA GLU A 239 -11.80 -1.46 26.87
C GLU A 239 -12.21 -0.01 26.65
N ASP A 240 -11.71 0.91 27.48
CA ASP A 240 -12.02 2.34 27.29
C ASP A 240 -11.25 2.88 26.09
N ALA A 241 -11.84 3.88 25.44
CA ALA A 241 -11.28 4.48 24.21
C ALA A 241 -9.80 4.88 24.29
N GLU A 242 -9.42 5.56 25.36
CA GLU A 242 -8.02 5.98 25.51
C GLU A 242 -7.06 4.79 25.54
N SER A 243 -7.45 3.74 26.27
CA SER A 243 -6.64 2.52 26.37
C SER A 243 -6.52 1.79 25.03
N ILE A 244 -7.61 1.74 24.27
CA ILE A 244 -7.64 1.13 22.95
C ILE A 244 -6.55 1.77 22.08
N VAL A 245 -6.52 3.09 22.06
CA VAL A 245 -5.54 3.80 21.21
C VAL A 245 -4.11 3.55 21.69
N ILE A 246 -3.89 3.62 23.00
CA ILE A 246 -2.59 3.30 23.60
C ILE A 246 -2.13 1.91 23.20
N ASN A 247 -3.01 0.92 23.33
CA ASN A 247 -2.67 -0.46 23.00
C ASN A 247 -2.36 -0.62 21.52
N GLU A 248 -3.16 0.05 20.66
CA GLU A 248 -2.93 0.00 19.21
C GLU A 248 -1.60 0.64 18.81
N ARG A 249 -1.24 1.78 19.41
CA ARG A 249 0.07 2.39 19.15
C ARG A 249 1.22 1.43 19.47
N TYR A 250 1.23 0.87 20.67
CA TYR A 250 2.26 -0.09 21.06
C TYR A 250 2.26 -1.36 20.23
N ALA A 251 1.08 -1.87 19.84
CA ALA A 251 1.02 -3.06 18.97
C ALA A 251 1.70 -2.79 17.62
N PHE A 252 1.38 -1.64 17.01
CA PHE A 252 1.98 -1.21 15.77
C PHE A 252 3.51 -1.13 15.89
N ILE A 253 3.95 -0.44 16.95
CA ILE A 253 5.38 -0.27 17.26
C ILE A 253 6.08 -1.62 17.41
N GLU A 254 5.49 -2.53 18.18
CA GLU A 254 6.09 -3.86 18.34
C GLU A 254 6.21 -4.62 17.01
N ARG A 255 5.16 -4.56 16.19
CA ARG A 255 5.14 -5.20 14.85
C ARG A 255 6.24 -4.63 13.98
N VAL A 256 6.34 -3.30 13.93
CA VAL A 256 7.39 -2.64 13.16
C VAL A 256 8.78 -3.05 13.65
N CYS A 257 9.02 -2.99 14.96
CA CYS A 257 10.34 -3.32 15.50
C CYS A 257 10.71 -4.78 15.26
N GLN A 258 9.74 -5.68 15.35
CA GLN A 258 9.97 -7.09 14.98
C GLN A 258 10.32 -7.25 13.49
N MET A 259 9.52 -6.68 12.61
CA MET A 259 9.77 -6.73 11.15
C MET A 259 11.07 -5.99 10.77
N ALA A 260 11.56 -5.11 11.65
CA ALA A 260 12.82 -4.37 11.43
C ALA A 260 14.04 -4.94 12.16
N GLU A 261 14.04 -6.25 12.42
CA GLU A 261 15.19 -6.91 13.05
C GLU A 261 15.44 -8.27 12.41
N GLY B 1 8.56 12.42 -11.23
CA GLY B 1 8.17 11.24 -10.41
C GLY B 1 8.11 9.95 -11.22
N SER B 2 7.28 9.02 -10.77
CA SER B 2 7.09 7.73 -11.43
C SER B 2 5.62 7.56 -11.86
N MET B 3 5.40 7.36 -13.15
CA MET B 3 4.06 7.12 -13.67
C MET B 3 3.61 5.76 -13.15
N THR B 4 2.38 5.66 -12.64
CA THR B 4 1.77 4.37 -12.31
C THR B 4 1.34 3.72 -13.63
N GLU B 5 1.87 2.54 -13.90
CA GLU B 5 1.67 1.84 -15.16
C GLU B 5 0.60 0.77 -14.98
N ILE B 6 -0.52 0.93 -15.65
CA ILE B 6 -1.67 0.02 -15.53
C ILE B 6 -1.81 -0.75 -16.83
N ALA B 7 -1.68 -2.08 -16.74
CA ALA B 7 -1.79 -2.97 -17.89
C ALA B 7 -3.26 -3.32 -18.14
N LEU B 8 -3.79 -2.92 -19.30
CA LEU B 8 -5.18 -3.17 -19.64
C LEU B 8 -5.25 -4.39 -20.53
N ILE B 9 -6.02 -5.40 -20.10
CA ILE B 9 -6.05 -6.65 -20.82
C ILE B 9 -7.35 -7.38 -20.58
N GLY B 10 -7.75 -8.14 -21.58
CA GLY B 10 -9.00 -8.89 -21.52
C GLY B 10 -9.15 -9.67 -22.80
N ASN B 11 -10.20 -10.48 -22.89
CA ASN B 11 -10.50 -11.22 -24.10
C ASN B 11 -10.84 -10.27 -25.25
N PRO B 12 -10.67 -10.75 -26.50
CA PRO B 12 -11.25 -10.06 -27.64
C PRO B 12 -12.75 -9.85 -27.42
N ALA B 13 -13.29 -8.73 -27.89
CA ALA B 13 -14.71 -8.43 -27.77
C ALA B 13 -15.22 -8.24 -26.32
N SER B 14 -14.34 -7.96 -25.36
CA SER B 14 -14.76 -7.69 -23.98
C SER B 14 -15.07 -6.21 -23.71
N GLY B 15 -14.79 -5.34 -24.68
CA GLY B 15 -14.96 -3.91 -24.52
C GLY B 15 -13.68 -3.19 -24.12
N LYS B 16 -12.54 -3.89 -24.23
CA LYS B 16 -11.25 -3.34 -23.84
C LYS B 16 -10.93 -2.05 -24.61
N THR B 17 -11.05 -2.06 -25.94
CA THR B 17 -10.75 -0.87 -26.75
C THR B 17 -11.70 0.25 -26.40
N SER B 18 -12.99 -0.06 -26.26
CA SER B 18 -13.97 0.96 -25.89
C SER B 18 -13.58 1.63 -24.56
N LEU B 19 -13.18 0.81 -23.58
CA LEU B 19 -12.73 1.36 -22.29
C LEU B 19 -11.43 2.15 -22.40
N PHE B 20 -10.48 1.62 -23.17
CA PHE B 20 -9.22 2.32 -23.41
C PHE B 20 -9.46 3.73 -23.94
N ASN B 21 -10.34 3.83 -24.94
CA ASN B 21 -10.70 5.13 -25.54
C ASN B 21 -11.35 6.11 -24.60
N LEU B 22 -12.28 5.65 -23.75
CA LEU B 22 -12.92 6.50 -22.74
C LEU B 22 -11.93 6.99 -21.68
N ILE B 23 -11.02 6.10 -21.28
CA ILE B 23 -10.08 6.40 -20.21
C ILE B 23 -9.01 7.39 -20.66
N THR B 24 -8.48 7.18 -21.87
CA THR B 24 -7.39 8.00 -22.39
C THR B 24 -7.85 9.18 -23.25
N GLY B 25 -9.15 9.22 -23.57
CA GLY B 25 -9.68 10.18 -24.54
C GLY B 25 -8.99 10.01 -25.87
N HIS B 26 -8.83 11.12 -26.60
CA HIS B 26 -8.14 11.08 -27.88
C HIS B 26 -6.63 10.84 -27.76
N ASN B 27 -6.03 11.19 -26.61
CA ASN B 27 -4.57 11.08 -26.43
C ASN B 27 -4.07 9.63 -26.32
N GLN B 28 -3.39 9.16 -27.37
N GLN B 28 -3.41 9.16 -27.38
CA GLN B 28 -2.87 7.80 -27.45
CA GLN B 28 -2.84 7.81 -27.41
C GLN B 28 -1.57 7.81 -28.27
C GLN B 28 -1.56 7.81 -28.25
N ARG B 29 -0.78 6.76 -28.11
CA ARG B 29 0.46 6.56 -28.88
C ARG B 29 0.52 5.11 -29.35
N VAL B 30 0.72 4.91 -30.65
CA VAL B 30 0.71 3.59 -31.27
C VAL B 30 2.04 3.29 -31.96
N GLY B 31 2.51 2.07 -31.77
CA GLY B 31 3.67 1.55 -32.47
C GLY B 31 3.52 0.05 -32.58
N ASN B 32 4.64 -0.67 -32.55
CA ASN B 32 4.63 -2.13 -32.53
C ASN B 32 5.57 -2.60 -31.43
N TRP B 33 5.30 -3.77 -30.82
CA TRP B 33 6.22 -4.32 -29.83
C TRP B 33 7.52 -4.73 -30.53
N PRO B 34 8.67 -4.68 -29.81
CA PRO B 34 9.97 -5.00 -30.42
C PRO B 34 10.05 -6.34 -31.13
N GLY B 35 10.47 -6.34 -32.38
CA GLY B 35 10.67 -7.57 -33.15
C GLY B 35 9.44 -8.27 -33.72
N VAL B 36 8.25 -7.70 -33.51
CA VAL B 36 7.01 -8.29 -34.02
C VAL B 36 6.12 -7.18 -34.60
N THR B 37 5.09 -7.60 -35.32
CA THR B 37 4.12 -6.66 -35.90
C THR B 37 2.95 -6.35 -34.97
N VAL B 38 2.90 -6.99 -33.80
CA VAL B 38 1.82 -6.80 -32.83
C VAL B 38 1.80 -5.35 -32.39
N GLU B 39 0.62 -4.73 -32.44
CA GLU B 39 0.43 -3.33 -32.06
C GLU B 39 0.81 -3.09 -30.59
N ARG B 40 1.52 -1.98 -30.36
CA ARG B 40 1.91 -1.52 -29.03
C ARG B 40 1.24 -0.19 -28.84
N LYS B 41 0.27 -0.14 -27.93
CA LYS B 41 -0.51 1.06 -27.72
C LYS B 41 -0.60 1.43 -26.26
N SER B 42 -0.36 2.72 -25.99
CA SER B 42 -0.51 3.26 -24.66
C SER B 42 -1.16 4.64 -24.73
N GLY B 43 -1.57 5.11 -23.58
CA GLY B 43 -2.20 6.41 -23.44
C GLY B 43 -2.23 6.79 -21.98
N LEU B 44 -2.19 8.09 -21.71
CA LEU B 44 -2.28 8.61 -20.37
C LEU B 44 -3.74 8.72 -19.99
N VAL B 45 -4.05 8.59 -18.71
CA VAL B 45 -5.42 8.67 -18.22
C VAL B 45 -5.85 10.13 -18.32
N LYS B 46 -6.85 10.39 -19.15
CA LYS B 46 -7.36 11.76 -19.39
C LYS B 46 -7.53 12.58 -18.12
N LYS B 47 -8.14 12.00 -17.09
CA LYS B 47 -8.41 12.72 -15.85
C LYS B 47 -7.30 12.64 -14.80
N ASN B 48 -6.17 12.03 -15.14
CA ASN B 48 -5.01 11.94 -14.26
C ASN B 48 -3.78 11.47 -15.06
N LYS B 49 -2.99 12.41 -15.58
CA LYS B 49 -1.89 12.08 -16.50
C LYS B 49 -0.65 11.45 -15.83
N ASP B 50 -0.66 11.36 -14.48
CA ASP B 50 0.29 10.51 -13.71
C ASP B 50 0.01 9.00 -13.79
N LEU B 51 -1.10 8.62 -14.43
CA LEU B 51 -1.43 7.20 -14.66
C LEU B 51 -1.33 6.98 -16.16
N GLU B 52 -0.62 5.92 -16.56
CA GLU B 52 -0.49 5.49 -17.94
C GLU B 52 -1.18 4.14 -18.11
N ILE B 53 -1.94 4.01 -19.18
CA ILE B 53 -2.55 2.73 -19.54
C ILE B 53 -1.73 2.09 -20.63
N GLN B 54 -1.15 0.93 -20.30
CA GLN B 54 -0.51 0.10 -21.29
C GLN B 54 -1.56 -0.86 -21.80
N ASP B 55 -2.03 -0.65 -23.02
CA ASP B 55 -2.98 -1.57 -23.62
C ASP B 55 -2.18 -2.83 -23.94
N LEU B 56 -2.81 -3.99 -23.77
CA LEU B 56 -2.19 -5.24 -24.20
C LEU B 56 -3.15 -5.88 -25.21
N PRO B 57 -2.62 -6.72 -26.11
CA PRO B 57 -3.52 -7.32 -27.09
C PRO B 57 -4.57 -8.20 -26.43
N GLY B 58 -5.75 -8.24 -27.04
CA GLY B 58 -6.85 -9.08 -26.55
C GLY B 58 -6.46 -10.54 -26.65
N ILE B 59 -6.53 -11.27 -25.53
CA ILE B 59 -6.22 -12.70 -25.49
C ILE B 59 -7.19 -13.49 -24.62
N TYR B 60 -7.29 -14.81 -24.88
CA TYR B 60 -8.11 -15.73 -24.08
C TYR B 60 -7.31 -16.48 -23.01
N SER B 61 -5.99 -16.52 -23.14
CA SER B 61 -5.13 -17.29 -22.24
C SER B 61 -3.70 -16.79 -22.39
N MET B 62 -2.77 -17.31 -21.62
N MET B 62 -2.82 -17.26 -21.51
CA MET B 62 -1.36 -17.01 -21.89
CA MET B 62 -1.40 -16.87 -21.47
C MET B 62 -0.65 -18.31 -22.29
C MET B 62 -0.55 -18.10 -21.80
N SER B 63 -1.01 -18.85 -23.46
N SER B 63 -0.72 -18.54 -23.04
CA SER B 63 -0.35 -20.04 -23.97
CA SER B 63 -0.12 -19.76 -23.62
C SER B 63 0.87 -19.54 -24.73
C SER B 63 1.02 -19.43 -24.60
N PRO B 64 1.80 -20.44 -25.06
CA PRO B 64 2.95 -20.09 -25.88
C PRO B 64 2.67 -20.05 -27.40
N TYR B 65 1.41 -20.16 -27.82
CA TYR B 65 1.05 -20.41 -29.22
C TYR B 65 0.64 -19.20 -30.09
N SER B 66 0.66 -17.97 -29.57
CA SER B 66 0.43 -16.83 -30.46
C SER B 66 1.33 -15.66 -30.08
N PRO B 67 1.65 -14.80 -31.05
CA PRO B 67 2.47 -13.61 -30.77
C PRO B 67 1.82 -12.68 -29.76
N GLU B 68 0.51 -12.56 -29.81
CA GLU B 68 -0.22 -11.67 -28.88
C GLU B 68 -0.10 -12.17 -27.44
N GLU B 69 -0.27 -13.47 -27.25
N GLU B 69 -0.27 -13.47 -27.24
CA GLU B 69 -0.11 -14.10 -25.94
CA GLU B 69 -0.12 -14.07 -25.91
C GLU B 69 1.31 -13.94 -25.39
C GLU B 69 1.32 -13.98 -25.38
N LYS B 70 2.31 -14.12 -26.26
CA LYS B 70 3.71 -13.96 -25.86
C LYS B 70 4.02 -12.51 -25.44
N VAL B 71 3.53 -11.55 -26.23
CA VAL B 71 3.68 -10.12 -25.88
C VAL B 71 3.13 -9.84 -24.48
N ALA B 72 1.92 -10.35 -24.23
CA ALA B 72 1.24 -10.06 -22.97
C ALA B 72 1.99 -10.68 -21.78
N ARG B 73 2.33 -11.95 -21.92
CA ARG B 73 3.10 -12.65 -20.89
C ARG B 73 4.45 -11.99 -20.60
N ASP B 74 5.23 -11.72 -21.64
CA ASP B 74 6.54 -11.10 -21.46
C ASP B 74 6.44 -9.76 -20.72
N TYR B 75 5.46 -8.95 -21.10
CA TYR B 75 5.27 -7.68 -20.42
C TYR B 75 4.90 -7.84 -18.94
N LEU B 76 3.92 -8.72 -18.67
CA LEU B 76 3.45 -8.94 -17.30
C LEU B 76 4.52 -9.55 -16.39
N LEU B 77 5.37 -10.42 -16.93
N LEU B 77 5.35 -10.43 -16.93
CA LEU B 77 6.44 -11.06 -16.15
CA LEU B 77 6.43 -11.07 -16.15
C LEU B 77 7.69 -10.19 -16.00
C LEU B 77 7.70 -10.21 -16.02
N SER B 78 7.76 -9.09 -16.74
CA SER B 78 8.86 -8.12 -16.63
C SER B 78 8.78 -7.28 -15.36
N GLN B 79 7.64 -7.32 -14.69
CA GLN B 79 7.36 -6.57 -13.46
C GLN B 79 7.35 -5.02 -13.68
N ARG B 80 7.20 -4.58 -14.93
CA ARG B 80 7.09 -3.16 -15.24
C ARG B 80 5.70 -2.61 -14.94
N ALA B 81 4.67 -3.45 -15.09
CA ALA B 81 3.32 -3.05 -14.73
C ALA B 81 3.21 -2.89 -13.21
N ASP B 82 2.59 -1.79 -12.77
CA ASP B 82 2.26 -1.61 -11.38
C ASP B 82 0.96 -2.35 -11.05
N SER B 83 0.06 -2.45 -12.02
CA SER B 83 -1.30 -2.98 -11.81
C SER B 83 -1.80 -3.61 -13.10
N ILE B 84 -2.68 -4.60 -12.97
CA ILE B 84 -3.40 -5.14 -14.11
C ILE B 84 -4.87 -4.70 -13.95
N LEU B 85 -5.42 -4.08 -14.98
CA LEU B 85 -6.83 -3.73 -15.05
C LEU B 85 -7.41 -4.70 -16.08
N ASN B 86 -8.09 -5.73 -15.56
CA ASN B 86 -8.62 -6.83 -16.34
C ASN B 86 -10.07 -6.54 -16.72
N VAL B 87 -10.29 -6.33 -18.01
CA VAL B 87 -11.60 -6.07 -18.60
C VAL B 87 -12.27 -7.44 -18.85
N VAL B 88 -13.40 -7.66 -18.19
CA VAL B 88 -14.14 -8.93 -18.18
C VAL B 88 -15.55 -8.70 -18.70
N ASP B 89 -15.94 -9.46 -19.73
CA ASP B 89 -17.30 -9.42 -20.27
C ASP B 89 -18.29 -10.10 -19.31
N ALA B 90 -19.11 -9.29 -18.63
CA ALA B 90 -20.10 -9.78 -17.65
C ALA B 90 -21.08 -10.79 -18.22
N THR B 91 -21.37 -10.68 -19.52
CA THR B 91 -22.32 -11.59 -20.19
C THR B 91 -21.74 -12.97 -20.55
N ASN B 92 -20.43 -13.12 -20.40
CA ASN B 92 -19.72 -14.35 -20.71
C ASN B 92 -18.68 -14.63 -19.62
N LEU B 93 -19.14 -14.61 -18.38
CA LEU B 93 -18.24 -14.53 -17.21
C LEU B 93 -17.27 -15.70 -17.07
N GLU B 94 -17.74 -16.94 -17.06
CA GLU B 94 -16.85 -18.09 -16.87
C GLU B 94 -15.74 -18.13 -17.91
N ARG B 95 -16.11 -17.94 -19.17
CA ARG B 95 -15.14 -17.97 -20.26
C ARG B 95 -14.07 -16.88 -20.13
N ASN B 96 -14.47 -15.68 -19.73
CA ASN B 96 -13.52 -14.58 -19.53
C ASN B 96 -12.60 -14.79 -18.33
N LEU B 97 -13.12 -15.40 -17.26
CA LEU B 97 -12.32 -15.63 -16.06
C LEU B 97 -11.18 -16.67 -16.23
N TYR B 98 -11.20 -17.48 -17.30
CA TYR B 98 -10.05 -18.36 -17.59
C TYR B 98 -8.74 -17.57 -17.67
N LEU B 99 -8.76 -16.49 -18.43
CA LEU B 99 -7.61 -15.59 -18.47
C LEU B 99 -7.35 -14.96 -17.10
N THR B 100 -8.39 -14.51 -16.44
CA THR B 100 -8.27 -13.82 -15.13
C THR B 100 -7.45 -14.63 -14.12
N THR B 101 -7.73 -15.93 -14.00
CA THR B 101 -6.97 -16.76 -13.09
C THR B 101 -5.46 -16.72 -13.38
N GLN B 102 -5.09 -16.69 -14.66
CA GLN B 102 -3.68 -16.67 -15.04
C GLN B 102 -3.05 -15.30 -14.76
N LEU B 103 -3.83 -14.24 -14.98
CA LEU B 103 -3.37 -12.89 -14.68
C LEU B 103 -3.06 -12.73 -13.20
N ILE B 104 -3.94 -13.24 -12.33
CA ILE B 104 -3.72 -13.16 -10.88
C ILE B 104 -2.41 -13.85 -10.50
N GLU B 105 -2.17 -15.02 -11.09
CA GLU B 105 -0.95 -15.81 -10.84
C GLU B 105 0.35 -15.10 -11.22
N THR B 106 0.33 -14.09 -12.08
CA THR B 106 1.53 -13.30 -12.36
C THR B 106 2.05 -12.53 -11.14
N GLY B 107 1.21 -12.34 -10.12
CA GLY B 107 1.59 -11.57 -8.94
C GLY B 107 1.58 -10.06 -9.10
N ILE B 108 1.15 -9.56 -10.27
CA ILE B 108 0.84 -8.14 -10.44
C ILE B 108 -0.63 -8.01 -10.01
N PRO B 109 -0.93 -7.17 -9.01
CA PRO B 109 -2.32 -7.12 -8.53
C PRO B 109 -3.34 -6.76 -9.62
N VAL B 110 -4.39 -7.57 -9.67
CA VAL B 110 -5.48 -7.43 -10.63
C VAL B 110 -6.66 -6.65 -10.03
N THR B 111 -7.22 -5.74 -10.82
CA THR B 111 -8.49 -5.06 -10.58
C THR B 111 -9.36 -5.42 -11.78
N ILE B 112 -10.60 -5.80 -11.53
CA ILE B 112 -11.51 -6.20 -12.62
C ILE B 112 -12.48 -5.08 -12.98
N ALA B 113 -12.51 -4.74 -14.27
CA ALA B 113 -13.57 -3.92 -14.84
C ALA B 113 -14.58 -4.94 -15.36
N LEU B 114 -15.69 -5.07 -14.64
CA LEU B 114 -16.73 -6.03 -14.98
C LEU B 114 -17.63 -5.31 -16.00
N ASN B 115 -17.25 -5.45 -17.27
CA ASN B 115 -17.80 -4.63 -18.37
C ASN B 115 -19.06 -5.25 -19.00
N MET B 116 -19.72 -4.46 -19.85
N MET B 116 -19.74 -4.49 -19.87
CA MET B 116 -21.00 -4.81 -20.50
CA MET B 116 -21.02 -4.93 -20.49
C MET B 116 -22.08 -5.12 -19.44
C MET B 116 -22.12 -5.10 -19.45
N ILE B 117 -22.02 -4.39 -18.33
CA ILE B 117 -22.99 -4.55 -17.22
C ILE B 117 -24.41 -4.15 -17.64
N ASP B 118 -24.52 -3.16 -18.51
CA ASP B 118 -25.81 -2.72 -19.07
C ASP B 118 -26.55 -3.82 -19.86
N VAL B 119 -25.79 -4.72 -20.48
CA VAL B 119 -26.34 -5.83 -21.26
C VAL B 119 -26.93 -6.91 -20.34
N LEU B 120 -26.35 -7.06 -19.15
N LEU B 120 -26.35 -7.08 -19.15
CA LEU B 120 -26.76 -8.06 -18.17
CA LEU B 120 -26.82 -8.09 -18.19
C LEU B 120 -28.26 -7.98 -17.81
C LEU B 120 -28.31 -7.98 -17.84
N ASP B 121 -28.79 -6.77 -17.58
CA ASP B 121 -30.23 -6.60 -17.27
C ASP B 121 -31.11 -7.15 -18.39
N GLY B 122 -30.79 -6.78 -19.63
CA GLY B 122 -31.52 -7.25 -20.80
C GLY B 122 -31.61 -8.75 -20.93
N GLN B 123 -30.65 -9.46 -20.36
CA GLN B 123 -30.62 -10.93 -20.36
C GLN B 123 -31.23 -11.53 -19.09
N GLY B 124 -31.81 -10.69 -18.22
CA GLY B 124 -32.35 -11.12 -16.93
C GLY B 124 -31.31 -11.75 -16.00
N LYS B 125 -30.12 -11.14 -15.95
CA LYS B 125 -29.02 -11.68 -15.13
C LYS B 125 -28.43 -10.64 -14.19
N LYS B 126 -27.79 -11.17 -13.14
CA LYS B 126 -27.14 -10.37 -12.13
C LYS B 126 -25.84 -11.05 -11.74
N ILE B 127 -24.90 -10.21 -11.31
CA ILE B 127 -23.65 -10.65 -10.71
C ILE B 127 -23.50 -9.87 -9.41
N ASN B 128 -23.33 -10.60 -8.31
CA ASN B 128 -23.09 -9.98 -7.02
C ASN B 128 -21.60 -9.60 -6.98
N VAL B 129 -21.32 -8.30 -7.11
CA VAL B 129 -19.94 -7.85 -7.25
C VAL B 129 -19.12 -8.09 -5.98
N ASP B 130 -19.73 -7.92 -4.81
CA ASP B 130 -19.05 -8.23 -3.55
C ASP B 130 -18.55 -9.68 -3.48
N LYS B 131 -19.42 -10.62 -3.84
N LYS B 131 -19.42 -10.62 -3.84
CA LYS B 131 -19.07 -12.04 -3.82
CA LYS B 131 -19.08 -12.04 -3.83
C LYS B 131 -18.04 -12.41 -4.89
C LYS B 131 -18.04 -12.40 -4.89
N LEU B 132 -18.16 -11.85 -6.09
CA LEU B 132 -17.16 -12.07 -7.15
C LEU B 132 -15.77 -11.65 -6.65
N SER B 133 -15.69 -10.43 -6.10
CA SER B 133 -14.46 -9.88 -5.55
C SER B 133 -13.91 -10.72 -4.39
N TYR B 134 -14.81 -11.11 -3.49
CA TYR B 134 -14.42 -11.88 -2.30
C TYR B 134 -13.77 -13.21 -2.69
N HIS B 135 -14.41 -13.93 -3.61
CA HIS B 135 -13.91 -15.26 -4.00
C HIS B 135 -12.73 -15.22 -4.98
N LEU B 136 -12.64 -14.17 -5.77
CA LEU B 136 -11.47 -13.97 -6.65
C LEU B 136 -10.29 -13.34 -5.91
N GLY B 137 -10.54 -12.70 -4.77
CA GLY B 137 -9.51 -11.95 -4.05
C GLY B 137 -8.96 -10.74 -4.79
N VAL B 138 -9.82 -10.10 -5.61
CA VAL B 138 -9.45 -8.89 -6.33
C VAL B 138 -10.58 -7.85 -6.26
N PRO B 139 -10.23 -6.56 -6.33
CA PRO B 139 -11.28 -5.54 -6.46
C PRO B 139 -12.07 -5.72 -7.76
N VAL B 140 -13.37 -5.49 -7.71
CA VAL B 140 -14.25 -5.56 -8.90
C VAL B 140 -15.12 -4.31 -8.95
N VAL B 141 -15.18 -3.68 -10.11
CA VAL B 141 -16.03 -2.51 -10.35
C VAL B 141 -16.85 -2.78 -11.61
N ALA B 142 -18.17 -2.66 -11.51
CA ALA B 142 -19.04 -2.86 -12.67
C ALA B 142 -18.90 -1.64 -13.58
N THR B 143 -18.69 -1.88 -14.87
CA THR B 143 -18.55 -0.80 -15.85
C THR B 143 -19.44 -1.01 -17.07
N SER B 144 -19.72 0.09 -17.76
CA SER B 144 -20.37 0.03 -19.07
C SER B 144 -19.66 1.04 -19.94
N ALA B 145 -18.98 0.58 -20.98
CA ALA B 145 -18.36 1.50 -21.94
C ALA B 145 -19.45 2.25 -22.72
N LEU B 146 -20.60 1.61 -22.96
CA LEU B 146 -21.73 2.24 -23.69
C LEU B 146 -22.38 3.36 -22.90
N LYS B 147 -22.80 3.05 -21.67
CA LYS B 147 -23.44 4.05 -20.81
C LYS B 147 -22.40 4.99 -20.16
N GLN B 148 -21.11 4.66 -20.23
CA GLN B 148 -20.02 5.45 -19.63
C GLN B 148 -20.15 5.56 -18.11
N THR B 149 -20.33 4.40 -17.46
CA THR B 149 -20.45 4.28 -16.02
C THR B 149 -19.33 3.39 -15.45
N GLY B 150 -18.89 3.72 -14.24
CA GLY B 150 -17.89 2.94 -13.51
C GLY B 150 -16.45 3.08 -13.97
N VAL B 151 -16.22 3.87 -15.02
CA VAL B 151 -14.88 3.95 -15.62
C VAL B 151 -13.88 4.63 -14.70
N ASP B 152 -14.17 5.86 -14.24
CA ASP B 152 -13.25 6.58 -13.38
C ASP B 152 -13.01 5.83 -12.08
N GLN B 153 -14.05 5.18 -11.59
CA GLN B 153 -14.01 4.41 -10.35
C GLN B 153 -13.04 3.21 -10.48
N VAL B 154 -13.16 2.44 -11.56
CA VAL B 154 -12.25 1.28 -11.76
C VAL B 154 -10.80 1.71 -11.97
N VAL B 155 -10.59 2.83 -12.68
CA VAL B 155 -9.25 3.34 -12.92
C VAL B 155 -8.58 3.73 -11.58
N LYS B 156 -9.33 4.44 -10.75
CA LYS B 156 -8.89 4.85 -9.41
C LYS B 156 -8.55 3.65 -8.52
N LYS B 157 -9.41 2.63 -8.53
CA LYS B 157 -9.16 1.41 -7.77
C LYS B 157 -7.87 0.76 -8.26
N ALA B 158 -7.74 0.55 -9.57
CA ALA B 158 -6.52 -0.03 -10.17
C ALA B 158 -5.26 0.73 -9.75
N ALA B 159 -5.34 2.06 -9.81
CA ALA B 159 -4.22 2.92 -9.44
C ALA B 159 -3.78 2.78 -7.97
N HIS B 160 -4.69 2.38 -7.10
CA HIS B 160 -4.41 2.14 -5.67
C HIS B 160 -4.25 0.67 -5.31
N THR B 161 -4.18 -0.20 -6.32
CA THR B 161 -4.05 -1.66 -6.15
C THR B 161 -2.85 -2.10 -6.97
N THR B 162 -1.65 -1.88 -6.42
CA THR B 162 -0.40 -2.04 -7.15
C THR B 162 0.60 -2.95 -6.44
N THR B 163 1.68 -3.28 -7.15
CA THR B 163 2.77 -4.06 -6.58
C THR B 163 3.39 -3.38 -5.33
N SER B 164 3.22 -2.06 -5.22
CA SER B 164 3.70 -1.31 -4.06
C SER B 164 2.69 -1.27 -2.91
N THR B 165 1.39 -1.12 -3.20
CA THR B 165 0.37 -0.98 -2.14
C THR B 165 -0.16 -2.29 -1.55
N VAL B 166 -0.13 -3.36 -2.35
CA VAL B 166 -0.69 -4.66 -1.97
C VAL B 166 0.43 -5.53 -1.40
N GLY B 167 0.17 -6.18 -0.27
CA GLY B 167 1.14 -7.07 0.37
C GLY B 167 0.94 -8.48 -0.17
N ASP B 168 0.48 -9.39 0.68
CA ASP B 168 0.31 -10.79 0.27
C ASP B 168 -0.80 -10.83 -0.76
N LEU B 169 -0.59 -11.62 -1.81
CA LEU B 169 -1.58 -11.78 -2.86
C LEU B 169 -2.29 -13.12 -2.65
N ALA B 170 -3.60 -13.10 -2.88
CA ALA B 170 -4.44 -14.27 -2.77
C ALA B 170 -4.55 -14.83 -4.18
N PHE B 171 -4.10 -16.05 -4.39
N PHE B 171 -4.08 -16.06 -4.37
CA PHE B 171 -4.16 -16.69 -5.69
CA PHE B 171 -4.14 -16.74 -5.66
C PHE B 171 -5.28 -17.73 -5.66
C PHE B 171 -5.29 -17.74 -5.65
N PRO B 172 -5.89 -18.03 -6.83
CA PRO B 172 -6.90 -19.09 -6.88
C PRO B 172 -6.32 -20.42 -6.33
N ILE B 173 -7.01 -21.03 -5.37
N ILE B 173 -7.01 -21.03 -5.38
CA ILE B 173 -6.56 -22.28 -4.77
CA ILE B 173 -6.57 -22.30 -4.80
C ILE B 173 -7.27 -23.45 -5.46
C ILE B 173 -7.28 -23.43 -5.51
N TYR B 174 -6.51 -24.40 -6.01
CA TYR B 174 -7.04 -25.54 -6.75
C TYR B 174 -7.14 -26.77 -5.84
N ASP B 175 -7.52 -27.89 -6.44
CA ASP B 175 -7.59 -29.14 -5.68
C ASP B 175 -6.28 -29.43 -4.93
N ASP B 176 -6.40 -29.98 -3.72
CA ASP B 176 -5.24 -30.38 -2.91
C ASP B 176 -4.17 -31.14 -3.69
N ARG B 177 -4.59 -32.02 -4.60
CA ARG B 177 -3.62 -32.81 -5.37
C ARG B 177 -2.79 -31.92 -6.33
N LEU B 178 -3.43 -30.92 -6.93
CA LEU B 178 -2.66 -29.98 -7.76
C LEU B 178 -1.81 -29.07 -6.87
N GLU B 179 -2.35 -28.63 -5.75
CA GLU B 179 -1.61 -27.79 -4.82
C GLU B 179 -0.34 -28.49 -4.30
N ALA B 180 -0.42 -29.81 -4.07
CA ALA B 180 0.77 -30.55 -3.64
C ALA B 180 1.86 -30.50 -4.72
N ALA B 181 1.45 -30.65 -5.98
CA ALA B 181 2.36 -30.60 -7.12
C ALA B 181 3.01 -29.24 -7.25
N ILE B 182 2.21 -28.18 -7.15
CA ILE B 182 2.68 -26.82 -7.22
C ILE B 182 3.72 -26.55 -6.11
N SER B 183 3.38 -26.92 -4.87
N SER B 183 3.39 -26.93 -4.88
CA SER B 183 4.28 -26.77 -3.73
CA SER B 183 4.28 -26.76 -3.73
C SER B 183 5.65 -27.40 -3.94
C SER B 183 5.66 -27.40 -3.95
N GLN B 184 5.65 -28.64 -4.44
CA GLN B 184 6.88 -29.38 -4.70
C GLN B 184 7.68 -28.78 -5.87
N ILE B 185 6.98 -28.31 -6.91
CA ILE B 185 7.67 -27.61 -7.99
C ILE B 185 8.30 -26.31 -7.44
N LEU B 186 7.57 -25.57 -6.61
CA LEU B 186 8.16 -24.37 -5.97
C LEU B 186 9.43 -24.73 -5.17
N GLU B 187 9.40 -25.83 -4.42
CA GLU B 187 10.57 -26.27 -3.64
C GLU B 187 11.72 -26.56 -4.59
N VAL B 188 11.41 -27.25 -5.70
CA VAL B 188 12.42 -27.61 -6.69
C VAL B 188 13.03 -26.37 -7.37
N LEU B 189 12.21 -25.34 -7.56
CA LEU B 189 12.63 -24.08 -8.20
C LEU B 189 13.53 -23.23 -7.33
N GLY B 190 13.33 -23.26 -6.01
CA GLY B 190 14.12 -22.46 -5.07
C GLY B 190 14.08 -20.99 -5.48
N ASN B 191 15.24 -20.38 -5.71
CA ASN B 191 15.30 -18.97 -6.13
C ASN B 191 15.48 -18.76 -7.66
N SER B 192 15.21 -19.79 -8.46
CA SER B 192 15.32 -19.70 -9.92
C SER B 192 14.28 -18.78 -10.55
N VAL B 193 13.24 -18.41 -9.81
CA VAL B 193 12.21 -17.48 -10.25
C VAL B 193 11.92 -16.45 -9.16
N PRO B 194 11.33 -15.30 -9.53
CA PRO B 194 10.95 -14.36 -8.47
C PRO B 194 9.82 -14.91 -7.61
N GLN B 195 9.85 -14.57 -6.33
CA GLN B 195 8.80 -15.00 -5.41
C GLN B 195 7.42 -14.52 -5.87
N ARG B 196 7.35 -13.28 -6.38
CA ARG B 196 6.07 -12.68 -6.79
C ARG B 196 5.33 -13.52 -7.83
N SER B 197 6.08 -14.00 -8.81
CA SER B 197 5.50 -14.70 -9.96
C SER B 197 5.75 -16.21 -9.89
N ALA B 198 6.28 -16.71 -8.77
CA ALA B 198 6.70 -18.13 -8.69
C ALA B 198 5.59 -19.12 -9.02
N ARG B 199 4.36 -18.80 -8.61
CA ARG B 199 3.23 -19.68 -8.87
C ARG B 199 2.89 -19.74 -10.37
N PHE B 200 2.99 -18.61 -11.06
CA PHE B 200 2.82 -18.64 -12.52
C PHE B 200 3.81 -19.60 -13.15
N TYR B 201 5.08 -19.47 -12.77
CA TYR B 201 6.12 -20.35 -13.31
C TYR B 201 5.90 -21.82 -12.95
N ALA B 202 5.54 -22.08 -11.70
CA ALA B 202 5.34 -23.45 -11.24
C ALA B 202 4.22 -24.14 -12.02
N ILE B 203 3.13 -23.43 -12.24
CA ILE B 203 2.00 -24.00 -12.99
C ILE B 203 2.39 -24.22 -14.45
N LYS B 204 3.06 -23.24 -15.05
CA LYS B 204 3.52 -23.40 -16.42
C LYS B 204 4.48 -24.59 -16.56
N LEU B 205 5.35 -24.80 -15.59
CA LEU B 205 6.25 -25.97 -15.62
C LEU B 205 5.46 -27.29 -15.54
N PHE B 206 4.41 -27.30 -14.70
CA PHE B 206 3.54 -28.46 -14.56
C PHE B 206 2.86 -28.81 -15.90
N GLU B 207 2.37 -27.83 -16.64
N GLU B 207 2.39 -27.78 -16.60
CA GLU B 207 1.75 -28.10 -17.94
CA GLU B 207 1.78 -27.85 -17.94
C GLU B 207 2.78 -28.11 -19.08
C GLU B 207 2.78 -28.12 -19.07
N GLN B 208 4.07 -28.15 -18.74
CA GLN B 208 5.16 -28.33 -19.69
C GLN B 208 5.19 -27.26 -20.79
N ASP B 209 5.00 -26.02 -20.34
CA ASP B 209 5.05 -24.83 -21.19
C ASP B 209 6.45 -24.68 -21.78
N SER B 210 6.57 -24.81 -23.10
CA SER B 210 7.86 -24.77 -23.79
C SER B 210 8.65 -23.44 -23.60
N LEU B 211 7.95 -22.31 -23.54
CA LEU B 211 8.61 -21.01 -23.37
C LEU B 211 9.20 -20.83 -21.97
N VAL B 212 8.45 -21.23 -20.94
CA VAL B 212 8.95 -21.19 -19.57
C VAL B 212 10.14 -22.16 -19.39
N GLU B 213 10.04 -23.38 -19.92
CA GLU B 213 11.16 -24.33 -19.83
C GLU B 213 12.44 -23.72 -20.42
N ALA B 214 12.30 -23.09 -21.59
CA ALA B 214 13.43 -22.45 -22.30
C ALA B 214 14.02 -21.29 -21.52
N GLU B 215 13.15 -20.43 -21.02
CA GLU B 215 13.50 -19.27 -20.21
C GLU B 215 14.31 -19.66 -18.96
N LEU B 216 13.88 -20.73 -18.26
CA LEU B 216 14.50 -21.09 -16.98
C LEU B 216 15.73 -21.99 -17.07
N ASP B 217 15.87 -22.77 -18.14
CA ASP B 217 17.00 -23.67 -18.37
C ASP B 217 17.46 -24.38 -17.09
N LEU B 218 16.59 -25.24 -16.59
CA LEU B 218 16.77 -25.84 -15.26
C LEU B 218 17.91 -26.86 -15.25
N SER B 219 18.42 -27.16 -14.07
CA SER B 219 19.45 -28.19 -13.92
C SER B 219 18.88 -29.58 -14.21
N GLN B 220 19.77 -30.54 -14.43
CA GLN B 220 19.39 -31.91 -14.60
C GLN B 220 18.55 -32.40 -13.42
N PHE B 221 18.99 -32.06 -12.21
CA PHE B 221 18.27 -32.47 -11.00
C PHE B 221 16.87 -31.85 -10.93
N GLN B 222 16.76 -30.54 -11.20
CA GLN B 222 15.47 -29.86 -11.24
C GLN B 222 14.52 -30.49 -12.27
N ARG B 223 15.03 -30.81 -13.46
CA ARG B 223 14.21 -31.46 -14.50
C ARG B 223 13.65 -32.80 -14.03
N LYS B 224 14.51 -33.61 -13.39
CA LYS B 224 14.10 -34.91 -12.87
C LYS B 224 13.03 -34.76 -11.79
N GLU B 225 13.25 -33.82 -10.86
CA GLU B 225 12.29 -33.56 -9.78
C GLU B 225 10.91 -33.19 -10.32
N ILE B 226 10.88 -32.29 -11.30
CA ILE B 226 9.62 -31.84 -11.92
C ILE B 226 8.96 -32.94 -12.75
N GLU B 227 9.76 -33.71 -13.49
CA GLU B 227 9.22 -34.85 -14.24
C GLU B 227 8.51 -35.82 -13.31
N ASP B 228 9.13 -36.07 -12.16
CA ASP B 228 8.58 -36.97 -11.14
C ASP B 228 7.24 -36.45 -10.61
N ILE B 229 7.18 -35.17 -10.27
CA ILE B 229 5.96 -34.54 -9.79
C ILE B 229 4.85 -34.64 -10.86
N ILE B 230 5.16 -34.30 -12.09
CA ILE B 230 4.13 -34.41 -13.16
C ILE B 230 3.63 -35.85 -13.29
N ARG B 231 4.54 -36.82 -13.32
CA ARG B 231 4.20 -38.22 -13.56
C ARG B 231 3.25 -38.80 -12.51
N ILE B 232 3.60 -38.67 -11.23
CA ILE B 232 2.73 -39.15 -10.15
C ILE B 232 1.40 -38.37 -10.08
N THR B 233 1.42 -37.06 -10.36
CA THR B 233 0.20 -36.27 -10.35
C THR B 233 -0.74 -36.71 -11.51
N GLU B 234 -0.21 -36.87 -12.71
CA GLU B 234 -1.01 -37.42 -13.82
C GLU B 234 -1.67 -38.77 -13.48
N GLU B 235 -0.91 -39.62 -12.80
CA GLU B 235 -1.40 -40.95 -12.39
C GLU B 235 -2.56 -40.86 -11.40
N ILE B 236 -2.48 -39.97 -10.42
CA ILE B 236 -3.59 -39.88 -9.44
C ILE B 236 -4.85 -39.18 -9.99
N PHE B 237 -4.70 -38.30 -10.97
CA PHE B 237 -5.84 -37.70 -11.68
C PHE B 237 -6.34 -38.53 -12.88
N THR B 238 -5.54 -39.51 -13.33
N THR B 238 -5.52 -39.48 -13.33
CA THR B 238 -5.72 -40.23 -14.60
CA THR B 238 -5.69 -40.22 -14.58
C THR B 238 -6.02 -39.27 -15.76
C THR B 238 -6.00 -39.29 -15.75
N GLU B 239 -5.21 -38.22 -15.84
CA GLU B 239 -5.37 -37.20 -16.85
C GLU B 239 -4.00 -36.57 -17.13
N ASP B 240 -3.79 -36.09 -18.35
CA ASP B 240 -2.54 -35.42 -18.71
C ASP B 240 -2.47 -34.07 -18.00
N ALA B 241 -1.25 -33.62 -17.74
CA ALA B 241 -0.97 -32.42 -16.96
C ALA B 241 -1.67 -31.18 -17.51
N GLU B 242 -1.60 -30.94 -18.81
CA GLU B 242 -2.26 -29.74 -19.37
C GLU B 242 -3.76 -29.74 -19.07
N SER B 243 -4.40 -30.89 -19.25
CA SER B 243 -5.83 -31.05 -18.96
C SER B 243 -6.17 -30.89 -17.48
N ILE B 244 -5.31 -31.40 -16.60
CA ILE B 244 -5.51 -31.22 -15.16
C ILE B 244 -5.63 -29.72 -14.83
N VAL B 245 -4.72 -28.92 -15.38
CA VAL B 245 -4.73 -27.47 -15.07
C VAL B 245 -5.98 -26.80 -15.65
N ILE B 246 -6.29 -27.11 -16.92
CA ILE B 246 -7.50 -26.58 -17.59
C ILE B 246 -8.73 -26.89 -16.74
N ASN B 247 -8.90 -28.15 -16.36
CA ASN B 247 -10.02 -28.60 -15.53
C ASN B 247 -10.06 -27.92 -14.18
N GLU B 248 -8.91 -27.76 -13.53
CA GLU B 248 -8.89 -27.08 -12.23
C GLU B 248 -9.22 -25.59 -12.31
N ARG B 249 -8.77 -24.93 -13.37
CA ARG B 249 -9.11 -23.54 -13.60
C ARG B 249 -10.63 -23.40 -13.73
N TYR B 250 -11.24 -24.22 -14.59
CA TYR B 250 -12.69 -24.13 -14.80
C TYR B 250 -13.49 -24.55 -13.60
N ALA B 251 -13.02 -25.53 -12.82
CA ALA B 251 -13.72 -25.90 -11.58
C ALA B 251 -13.72 -24.75 -10.58
N PHE B 252 -12.58 -24.09 -10.42
CA PHE B 252 -12.48 -22.90 -9.57
C PHE B 252 -13.45 -21.83 -10.05
N ILE B 253 -13.40 -21.55 -11.34
CA ILE B 253 -14.25 -20.52 -11.95
C ILE B 253 -15.72 -20.84 -11.77
N GLU B 254 -16.08 -22.09 -12.00
CA GLU B 254 -17.47 -22.50 -11.85
C GLU B 254 -17.94 -22.33 -10.41
N ARG B 255 -17.06 -22.65 -9.45
CA ARG B 255 -17.37 -22.46 -8.03
C ARG B 255 -17.66 -20.97 -7.74
N VAL B 256 -16.80 -20.08 -8.23
CA VAL B 256 -16.96 -18.63 -8.05
C VAL B 256 -18.24 -18.11 -8.68
N CYS B 257 -18.53 -18.54 -9.92
CA CYS B 257 -19.70 -18.08 -10.65
C CYS B 257 -21.02 -18.54 -10.04
N GLN B 258 -21.03 -19.75 -9.48
CA GLN B 258 -22.21 -20.28 -8.80
C GLN B 258 -22.55 -19.43 -7.57
N MET B 259 -21.52 -18.96 -6.87
CA MET B 259 -21.69 -18.06 -5.74
C MET B 259 -22.12 -16.65 -6.17
N ALA B 260 -21.54 -16.16 -7.27
CA ALA B 260 -21.71 -14.74 -7.65
C ALA B 260 -22.87 -14.45 -8.60
N GLU B 261 -23.16 -15.37 -9.53
CA GLU B 261 -24.19 -15.17 -10.54
C GLU B 261 -25.58 -15.63 -10.13
N SER B 262 -26.59 -15.02 -10.72
CA SER B 262 -27.98 -15.45 -10.54
C SER B 262 -28.86 -14.92 -11.68
N HIS B 263 -30.03 -15.54 -11.84
CA HIS B 263 -31.04 -15.12 -12.82
C HIS B 263 -32.06 -14.20 -12.14
N THR B 264 -32.17 -12.96 -12.63
CA THR B 264 -33.08 -11.97 -12.06
C THR B 264 -33.28 -10.77 -12.98
#